data_5M16
#
_entry.id   5M16
#
_cell.length_a   68.300
_cell.length_b   96.020
_cell.length_c   98.050
_cell.angle_alpha   90.00
_cell.angle_beta   90.00
_cell.angle_gamma   90.00
#
_symmetry.space_group_name_H-M   'P 21 21 21'
#
loop_
_entity.id
_entity.type
_entity.pdbx_description
1 polymer Alpha-galactosidase
2 non-polymer 'SULFATE ION'
3 non-polymer 'MAGNESIUM ION'
4 non-polymer (1~{R},2~{S},3~{S},4~{S},5~{S},6~{S})-1-(hydroxymethyl)bicyclo[4.1.0]heptane-2,3,4,5-tetrol
5 water water
#
_entity_poly.entity_id   1
_entity_poly.type   'polypeptide(L)'
_entity_poly.pdbx_seq_one_letter_code
;MGSSHHHHHHSSGLVPRGSHMASMEIFGKTFREGRFVLKEKNFTVEFAVEKIHLGWKISGRVKGSPGRLEVLRTKAPEKV
LVNNWQSWGPCRVVDAFSFKPPEIDPNWRYTASVVPDVLERNLQSDYFVAEEGKVYGFLSSKIAHPFFAVEDGELVAYLE
YFDVEFDDFVPLEPLVVLEDPNTPLLLEKYAELVGMENNARVPKHTPTGWCSWYHYFLDLTWEETLKNLKLAKNFPFEVF
QIDDAYEKDIGDWLVTRGDFPSVEEMAKVIAENGFIPGIWTAPFSVSETSDVFNEHPDWVVKENGEPKMAYRNWNKKIYA
LDLSKDEVLNWLFDLFSSLRKMGYRYFKIDFLFAGAVPGERKKNITPIQAFRKGIETIRKAVGEDSFILGCGSPLLPAVG
CVDGMRIGPDTAPFWGEHIEDNGAPAARWALRNAITRYFMHDRFWLNDPDCLILREEKTDLTQKEKELYSYTCGVLDNMI
IESDDLSLVRDHGKKVLKETLELLGGRPRVQNIMSEDLRYEIVSSGTLSGNVKIVVDLNSREYHLEKEGKSSLKKRVVKR
EDGRNFYFYEEGERE
;
_entity_poly.pdbx_strand_id   A
#
# COMPACT_ATOMS: atom_id res chain seq x y z
N PRO A 16 3.64 -22.11 -31.82
CA PRO A 16 5.00 -21.58 -31.81
C PRO A 16 5.29 -20.70 -30.59
N ARG A 17 6.55 -20.44 -30.31
CA ARG A 17 6.94 -19.64 -29.16
C ARG A 17 6.69 -18.12 -29.49
N GLY A 18 7.70 -17.50 -30.05
CA GLY A 18 7.69 -16.10 -30.34
C GLY A 18 9.14 -15.84 -30.15
N SER A 19 9.67 -15.01 -31.04
CA SER A 19 11.07 -14.63 -31.06
C SER A 19 11.48 -13.97 -29.72
N HIS A 20 10.55 -13.22 -29.16
CA HIS A 20 10.79 -12.52 -27.87
C HIS A 20 10.84 -13.50 -26.68
N MET A 21 10.05 -14.58 -26.74
N MET A 21 10.03 -14.56 -26.73
CA MET A 21 10.08 -15.61 -25.69
CA MET A 21 10.09 -15.59 -25.69
C MET A 21 11.31 -16.53 -25.75
C MET A 21 11.41 -16.40 -25.76
N ALA A 22 11.81 -16.86 -26.95
CA ALA A 22 13.10 -17.57 -27.13
C ALA A 22 14.30 -16.75 -26.66
N SER A 23 14.14 -15.42 -26.63
CA SER A 23 15.21 -14.50 -26.22
C SER A 23 15.27 -14.27 -24.69
N MET A 24 14.32 -14.79 -23.92
CA MET A 24 14.35 -14.63 -22.42
C MET A 24 15.28 -15.67 -21.75
N GLU A 25 15.82 -15.31 -20.57
CA GLU A 25 16.58 -16.29 -19.74
C GLU A 25 15.89 -16.45 -18.39
N ILE A 26 15.70 -17.71 -17.97
CA ILE A 26 15.11 -18.06 -16.67
C ILE A 26 16.19 -18.74 -15.79
N PHE A 27 16.55 -18.12 -14.66
CA PHE A 27 17.69 -18.57 -13.82
C PHE A 27 18.96 -18.82 -14.67
N GLY A 28 19.18 -17.91 -15.63
CA GLY A 28 20.38 -17.91 -16.42
C GLY A 28 20.33 -18.84 -17.63
N LYS A 29 19.28 -19.61 -17.81
CA LYS A 29 19.21 -20.55 -18.92
C LYS A 29 18.26 -20.01 -19.97
N THR A 30 18.46 -20.46 -21.21
CA THR A 30 17.52 -20.12 -22.23
C THR A 30 16.09 -20.54 -21.84
N PHE A 31 15.14 -19.65 -22.04
CA PHE A 31 13.75 -19.94 -21.74
C PHE A 31 13.18 -21.09 -22.57
N ARG A 32 12.55 -22.04 -21.87
CA ARG A 32 11.61 -23.02 -22.44
C ARG A 32 10.87 -23.75 -21.34
N GLU A 33 9.75 -24.33 -21.69
CA GLU A 33 8.94 -25.13 -20.78
C GLU A 33 9.71 -26.32 -20.23
N GLY A 34 9.49 -26.66 -18.98
CA GLY A 34 10.28 -27.76 -18.40
C GLY A 34 10.53 -27.71 -16.89
N ARG A 35 11.40 -28.62 -16.43
CA ARG A 35 11.74 -28.80 -14.99
C ARG A 35 13.21 -28.87 -14.89
N PHE A 36 13.79 -28.06 -14.00
CA PHE A 36 15.21 -27.76 -14.02
C PHE A 36 15.84 -27.66 -12.60
N VAL A 37 17.13 -27.92 -12.52
CA VAL A 37 17.92 -27.75 -11.31
C VAL A 37 19.13 -26.87 -11.60
N LEU A 38 19.30 -25.78 -10.86
CA LEU A 38 20.52 -25.00 -10.90
C LEU A 38 21.25 -25.26 -9.57
N LYS A 39 22.43 -25.87 -9.65
CA LYS A 39 23.31 -26.06 -8.49
C LYS A 39 24.43 -25.09 -8.65
N GLU A 40 24.48 -24.07 -7.82
CA GLU A 40 25.54 -23.08 -7.87
C GLU A 40 26.43 -23.29 -6.66
N LYS A 41 27.47 -22.46 -6.55
CA LYS A 41 28.42 -22.52 -5.46
C LYS A 41 27.71 -22.47 -4.10
N ASN A 42 26.82 -21.49 -3.90
CA ASN A 42 26.28 -21.23 -2.55
C ASN A 42 24.80 -21.51 -2.37
N PHE A 43 24.11 -21.90 -3.44
CA PHE A 43 22.69 -22.17 -3.36
C PHE A 43 22.25 -23.18 -4.40
N THR A 44 21.11 -23.80 -4.15
CA THR A 44 20.42 -24.64 -5.12
C THR A 44 18.98 -24.20 -5.39
N VAL A 45 18.62 -24.15 -6.67
CA VAL A 45 17.24 -23.90 -7.07
C VAL A 45 16.64 -25.05 -7.87
N GLU A 46 15.46 -25.49 -7.48
CA GLU A 46 14.69 -26.41 -8.30
C GLU A 46 13.45 -25.68 -8.80
N PHE A 47 13.27 -25.60 -10.12
CA PHE A 47 12.17 -24.79 -10.67
C PHE A 47 11.49 -25.38 -11.87
N ALA A 48 10.23 -25.01 -12.05
CA ALA A 48 9.44 -25.45 -13.19
C ALA A 48 8.99 -24.25 -13.97
N VAL A 49 8.97 -24.39 -15.30
CA VAL A 49 8.40 -23.38 -16.19
C VAL A 49 7.20 -24.01 -16.89
N GLU A 50 5.98 -23.50 -16.60
CA GLU A 50 4.74 -24.19 -16.93
C GLU A 50 3.75 -23.23 -17.59
N LYS A 51 2.93 -23.76 -18.51
CA LYS A 51 1.95 -22.96 -19.21
C LYS A 51 0.76 -22.75 -18.35
N ILE A 52 0.30 -21.50 -18.30
CA ILE A 52 -0.97 -21.16 -17.68
C ILE A 52 -1.78 -20.33 -18.66
N HIS A 53 -3.03 -20.10 -18.34
CA HIS A 53 -3.88 -19.18 -19.10
C HIS A 53 -3.24 -17.77 -19.22
N LEU A 54 -2.99 -17.35 -20.47
CA LEU A 54 -2.44 -16.06 -20.85
C LEU A 54 -0.93 -15.99 -20.75
N GLY A 55 -0.26 -17.09 -20.38
CA GLY A 55 1.18 -17.03 -20.30
C GLY A 55 1.86 -18.19 -19.61
N TRP A 56 2.81 -17.85 -18.73
CA TRP A 56 3.71 -18.83 -18.13
C TRP A 56 3.79 -18.54 -16.66
N LYS A 57 4.12 -19.57 -15.87
CA LYS A 57 4.35 -19.43 -14.42
C LYS A 57 5.64 -20.12 -14.10
N ILE A 58 6.53 -19.42 -13.41
CA ILE A 58 7.79 -19.99 -12.92
C ILE A 58 7.66 -20.16 -11.40
N SER A 59 7.79 -21.40 -10.90
CA SER A 59 7.68 -21.70 -9.46
C SER A 59 8.70 -22.77 -9.04
N GLY A 60 8.82 -22.98 -7.75
CA GLY A 60 9.79 -23.97 -7.26
C GLY A 60 10.27 -23.67 -5.85
N ARG A 61 11.54 -23.97 -5.60
CA ARG A 61 12.09 -23.97 -4.23
C ARG A 61 13.58 -23.79 -4.25
N VAL A 62 14.10 -23.19 -3.18
CA VAL A 62 15.46 -22.74 -3.09
C VAL A 62 16.00 -23.05 -1.69
N LYS A 63 17.30 -23.32 -1.63
CA LYS A 63 18.02 -23.52 -0.35
C LYS A 63 19.44 -23.06 -0.48
N GLY A 64 20.13 -22.92 0.66
CA GLY A 64 21.47 -22.31 0.67
C GLY A 64 21.43 -20.81 0.95
N SER A 65 22.32 -20.07 0.31
CA SER A 65 22.38 -18.62 0.42
C SER A 65 22.14 -17.98 -0.93
N PRO A 66 20.87 -17.87 -1.33
CA PRO A 66 20.57 -17.31 -2.68
C PRO A 66 20.89 -15.85 -2.88
N GLY A 67 21.01 -15.08 -1.79
CA GLY A 67 21.41 -13.70 -1.96
C GLY A 67 20.38 -12.90 -2.76
N ARG A 68 20.87 -12.08 -3.67
CA ARG A 68 20.04 -11.43 -4.69
C ARG A 68 19.95 -12.38 -5.90
N LEU A 69 18.85 -13.13 -5.98
CA LEU A 69 18.73 -14.24 -6.89
C LEU A 69 18.13 -13.75 -8.24
N GLU A 70 18.86 -13.88 -9.36
CA GLU A 70 18.29 -13.59 -10.69
C GLU A 70 17.30 -14.63 -11.17
N VAL A 71 16.05 -14.22 -11.46
CA VAL A 71 15.00 -15.14 -11.86
C VAL A 71 14.75 -15.06 -13.40
N LEU A 72 14.67 -13.85 -13.92
CA LEU A 72 14.35 -13.62 -15.34
C LEU A 72 15.18 -12.49 -15.92
N ARG A 73 15.54 -12.63 -17.21
CA ARG A 73 16.21 -11.55 -17.93
C ARG A 73 15.68 -11.47 -19.36
N THR A 74 15.45 -10.23 -19.82
CA THR A 74 14.85 -9.98 -21.14
C THR A 74 15.14 -8.50 -21.50
N LYS A 75 15.08 -8.20 -22.79
CA LYS A 75 15.27 -6.84 -23.27
C LYS A 75 14.29 -5.87 -22.60
N ALA A 76 14.79 -4.74 -22.12
CA ALA A 76 13.91 -3.73 -21.49
C ALA A 76 12.98 -3.12 -22.56
N PRO A 77 11.69 -3.01 -22.26
CA PRO A 77 10.81 -2.21 -23.12
C PRO A 77 11.11 -0.72 -23.03
N GLU A 78 10.64 0.07 -24.01
N GLU A 78 10.59 0.07 -23.97
CA GLU A 78 10.84 1.52 -24.00
CA GLU A 78 10.85 1.49 -24.01
C GLU A 78 10.05 2.18 -22.89
C GLU A 78 10.03 2.23 -22.94
N LYS A 79 8.76 1.88 -22.83
CA LYS A 79 7.83 2.47 -21.84
C LYS A 79 7.31 1.39 -20.92
N VAL A 80 7.48 1.61 -19.60
CA VAL A 80 7.04 0.62 -18.63
C VAL A 80 6.20 1.26 -17.52
N LEU A 81 5.16 0.56 -17.11
CA LEU A 81 4.41 0.87 -15.86
C LEU A 81 5.20 0.28 -14.69
N VAL A 82 5.75 1.16 -13.87
CA VAL A 82 6.53 0.81 -12.68
C VAL A 82 5.72 0.98 -11.39
N ASN A 83 6.05 0.20 -10.36
CA ASN A 83 5.31 0.22 -9.12
C ASN A 83 6.28 0.28 -7.92
N ASN A 84 6.09 1.26 -7.02
CA ASN A 84 6.83 1.28 -5.75
C ASN A 84 6.28 0.26 -4.78
N TRP A 85 7.14 -0.28 -3.89
CA TRP A 85 6.69 -1.32 -3.01
C TRP A 85 5.58 -0.92 -2.03
N GLN A 86 5.44 0.38 -1.72
CA GLN A 86 4.55 0.73 -0.63
C GLN A 86 3.42 1.73 -1.01
N SER A 87 2.43 1.85 -0.12
CA SER A 87 1.26 2.70 -0.27
C SER A 87 1.52 4.01 -0.99
N TRP A 88 2.53 4.80 -0.53
CA TRP A 88 2.65 6.21 -0.93
C TRP A 88 3.41 6.40 -2.23
N GLY A 89 4.16 5.36 -2.66
CA GLY A 89 5.10 5.53 -3.76
C GLY A 89 4.36 5.39 -5.08
N PRO A 90 4.91 5.97 -6.12
CA PRO A 90 4.13 6.00 -7.39
C PRO A 90 3.95 4.67 -8.10
N CYS A 91 2.82 4.57 -8.82
CA CYS A 91 2.65 3.55 -9.85
C CYS A 91 2.33 4.34 -11.13
N ARG A 92 3.28 4.31 -12.07
CA ARG A 92 3.24 5.26 -13.21
C ARG A 92 4.09 4.77 -14.36
N VAL A 93 3.81 5.33 -15.53
CA VAL A 93 4.55 4.94 -16.74
C VAL A 93 5.76 5.84 -16.86
N VAL A 94 6.93 5.23 -17.09
CA VAL A 94 8.17 5.92 -17.25
C VAL A 94 8.88 5.45 -18.52
N ASP A 95 9.72 6.33 -19.03
CA ASP A 95 10.62 6.05 -20.16
C ASP A 95 11.88 5.36 -19.66
N ALA A 96 12.06 4.09 -20.01
CA ALA A 96 13.12 3.28 -19.40
C ALA A 96 14.51 3.67 -19.89
N PHE A 97 14.61 4.38 -21.02
CA PHE A 97 15.92 4.65 -21.60
C PHE A 97 16.45 6.03 -21.19
N SER A 98 15.57 6.95 -20.83
CA SER A 98 15.99 8.27 -20.34
C SER A 98 15.86 8.40 -18.81
N PHE A 99 15.81 7.28 -18.11
CA PHE A 99 15.73 7.28 -16.65
C PHE A 99 16.99 7.89 -16.01
N LYS A 100 16.74 8.75 -15.02
CA LYS A 100 17.81 9.34 -14.21
C LYS A 100 17.56 8.99 -12.75
N PRO A 101 18.57 8.46 -12.06
CA PRO A 101 18.35 8.09 -10.64
C PRO A 101 17.97 9.32 -9.81
N PRO A 102 16.99 9.17 -8.91
CA PRO A 102 16.66 10.31 -8.05
C PRO A 102 17.71 10.56 -6.94
N GLU A 103 17.66 11.75 -6.34
CA GLU A 103 18.43 12.00 -5.11
C GLU A 103 17.52 11.43 -4.03
N ILE A 104 18.02 10.53 -3.20
CA ILE A 104 17.14 10.08 -2.13
C ILE A 104 17.45 10.80 -0.82
N ASP A 105 16.41 11.50 -0.38
CA ASP A 105 16.19 11.95 1.00
C ASP A 105 16.61 10.91 2.05
N PRO A 106 17.71 11.19 2.79
CA PRO A 106 18.21 10.30 3.83
C PRO A 106 17.21 10.06 4.98
N ASN A 107 16.25 10.93 5.12
CA ASN A 107 15.25 10.72 6.16
C ASN A 107 14.11 9.77 5.74
N TRP A 108 14.04 9.41 4.46
CA TRP A 108 12.91 8.61 3.90
C TRP A 108 13.37 7.60 2.87
N ARG A 109 14.56 7.11 3.08
CA ARG A 109 15.29 6.22 2.17
C ARG A 109 14.45 4.99 1.85
N TYR A 110 13.91 4.39 2.91
CA TYR A 110 13.23 3.10 2.74
C TYR A 110 11.81 3.14 2.18
N THR A 111 11.12 4.28 2.20
CA THR A 111 9.89 4.43 1.39
C THR A 111 10.18 4.43 -0.13
N ALA A 112 11.33 4.94 -0.51
CA ALA A 112 11.71 4.90 -1.91
C ALA A 112 12.10 3.50 -2.34
N SER A 113 12.79 2.72 -1.49
CA SER A 113 13.26 1.38 -1.85
C SER A 113 13.73 0.60 -0.61
N VAL A 114 13.43 -0.69 -0.61
CA VAL A 114 13.96 -1.61 0.39
C VAL A 114 15.36 -2.13 -0.04
N VAL A 115 15.72 -1.85 -1.29
CA VAL A 115 17.07 -2.10 -1.82
C VAL A 115 17.65 -0.85 -2.44
N PRO A 116 17.99 0.15 -1.59
CA PRO A 116 18.28 1.48 -2.16
C PRO A 116 19.53 1.55 -3.04
N ASP A 117 20.38 0.53 -3.00
CA ASP A 117 21.56 0.45 -3.88
C ASP A 117 21.13 0.33 -5.34
N VAL A 118 19.96 -0.30 -5.56
CA VAL A 118 19.40 -0.45 -6.90
C VAL A 118 18.93 0.89 -7.38
N LEU A 119 18.05 1.51 -6.61
CA LEU A 119 17.38 2.75 -7.01
C LEU A 119 18.31 3.92 -7.22
N GLU A 120 19.42 3.95 -6.49
CA GLU A 120 20.34 5.05 -6.66
C GLU A 120 21.11 4.97 -8.00
N ARG A 121 21.12 3.82 -8.69
N ARG A 121 21.10 3.80 -8.64
CA ARG A 121 21.72 3.73 -10.04
CA ARG A 121 21.68 3.58 -9.97
C ARG A 121 20.86 3.21 -11.21
C ARG A 121 20.64 3.51 -11.11
N ASN A 122 19.71 2.57 -10.95
CA ASN A 122 18.89 2.03 -12.04
C ASN A 122 17.39 2.12 -11.71
N LEU A 123 16.60 2.07 -12.77
CA LEU A 123 15.17 2.03 -12.66
C LEU A 123 14.76 0.77 -11.93
N GLN A 124 13.82 0.95 -10.98
CA GLN A 124 13.42 -0.14 -10.09
C GLN A 124 11.88 -0.23 -10.13
N SER A 125 11.39 -1.44 -10.21
CA SER A 125 9.93 -1.68 -10.04
C SER A 125 9.73 -2.84 -9.07
N ASP A 126 8.86 -2.68 -8.09
CA ASP A 126 8.62 -3.71 -7.08
C ASP A 126 7.37 -4.54 -7.36
N TYR A 127 7.48 -5.87 -7.21
CA TYR A 127 6.42 -6.87 -7.32
C TYR A 127 6.01 -7.18 -8.78
N PHE A 128 5.78 -6.12 -9.57
CA PHE A 128 5.32 -6.28 -10.96
C PHE A 128 5.81 -5.12 -11.80
N VAL A 129 5.81 -5.34 -13.13
CA VAL A 129 6.08 -4.29 -14.07
C VAL A 129 5.28 -4.64 -15.33
N ALA A 130 4.86 -3.62 -16.07
CA ALA A 130 4.00 -3.85 -17.27
C ALA A 130 4.49 -2.99 -18.43
N GLU A 131 4.23 -3.50 -19.65
CA GLU A 131 4.36 -2.74 -20.88
C GLU A 131 3.05 -2.98 -21.64
N GLU A 132 2.85 -2.24 -22.72
CA GLU A 132 1.69 -2.53 -23.58
C GLU A 132 1.72 -4.00 -24.01
N GLY A 133 0.68 -4.73 -23.62
CA GLY A 133 0.49 -6.13 -23.99
C GLY A 133 1.15 -7.20 -23.14
N LYS A 134 1.82 -6.81 -22.04
CA LYS A 134 2.61 -7.79 -21.27
C LYS A 134 2.78 -7.39 -19.81
N VAL A 135 2.47 -8.31 -18.91
CA VAL A 135 2.70 -8.11 -17.45
C VAL A 135 3.71 -9.16 -16.95
N TYR A 136 4.71 -8.71 -16.18
CA TYR A 136 5.59 -9.60 -15.45
C TYR A 136 5.30 -9.36 -13.98
N GLY A 137 4.93 -10.39 -13.23
CA GLY A 137 4.56 -10.12 -11.81
C GLY A 137 4.76 -11.28 -10.88
N PHE A 138 5.23 -10.98 -9.67
CA PHE A 138 5.40 -12.02 -8.68
C PHE A 138 4.12 -12.19 -7.90
N LEU A 139 3.77 -13.43 -7.53
CA LEU A 139 2.49 -13.69 -6.86
C LEU A 139 2.47 -13.47 -5.36
N SER A 140 3.64 -13.34 -4.78
CA SER A 140 3.77 -13.22 -3.33
C SER A 140 5.08 -12.59 -2.97
N SER A 141 5.13 -12.13 -1.72
CA SER A 141 6.39 -11.71 -1.02
C SER A 141 6.26 -12.16 0.42
N LYS A 142 6.62 -13.44 0.65
CA LYS A 142 6.52 -14.04 1.95
C LYS A 142 7.88 -14.18 2.63
N ILE A 143 8.92 -14.44 1.85
CA ILE A 143 10.31 -14.55 2.34
C ILE A 143 11.19 -13.51 1.66
N ALA A 144 11.22 -13.52 0.32
CA ALA A 144 12.08 -12.61 -0.42
C ALA A 144 11.34 -11.34 -0.82
N HIS A 145 12.08 -10.28 -1.10
CA HIS A 145 11.50 -9.12 -1.80
C HIS A 145 11.67 -9.29 -3.30
N PRO A 146 10.55 -9.32 -4.07
CA PRO A 146 10.65 -9.48 -5.52
C PRO A 146 10.65 -8.13 -6.21
N PHE A 147 11.58 -7.91 -7.11
CA PHE A 147 11.63 -6.63 -7.79
C PHE A 147 12.32 -6.77 -9.17
N PHE A 148 12.18 -5.72 -10.00
CA PHE A 148 12.78 -5.70 -11.34
C PHE A 148 13.73 -4.50 -11.38
N ALA A 149 14.82 -4.63 -12.13
CA ALA A 149 15.68 -3.50 -12.42
C ALA A 149 15.96 -3.43 -13.92
N VAL A 150 16.10 -2.22 -14.46
CA VAL A 150 16.68 -2.07 -15.81
C VAL A 150 18.19 -1.80 -15.67
N GLU A 151 19.00 -2.77 -16.10
CA GLU A 151 20.47 -2.82 -15.92
C GLU A 151 21.08 -2.88 -17.35
N ASP A 152 21.66 -1.77 -17.81
CA ASP A 152 22.26 -1.65 -19.17
C ASP A 152 21.30 -2.10 -20.27
N GLY A 153 20.10 -1.55 -20.29
CA GLY A 153 19.11 -1.88 -21.31
C GLY A 153 18.41 -3.23 -21.17
N GLU A 154 18.65 -3.96 -20.07
CA GLU A 154 17.97 -5.24 -19.88
C GLU A 154 17.02 -5.21 -18.66
N LEU A 155 15.87 -5.83 -18.81
CA LEU A 155 14.93 -5.96 -17.65
C LEU A 155 15.25 -7.25 -16.89
N VAL A 156 15.61 -7.15 -15.59
CA VAL A 156 16.02 -8.29 -14.81
C VAL A 156 15.14 -8.40 -13.57
N ALA A 157 14.56 -9.56 -13.42
CA ALA A 157 13.77 -9.89 -12.24
C ALA A 157 14.64 -10.57 -11.16
N TYR A 158 14.49 -10.12 -9.90
CA TYR A 158 15.26 -10.59 -8.76
C TYR A 158 14.37 -10.94 -7.60
N LEU A 159 14.79 -11.94 -6.85
CA LEU A 159 14.32 -12.19 -5.48
C LEU A 159 15.46 -11.91 -4.47
N GLU A 160 15.24 -10.92 -3.62
CA GLU A 160 16.24 -10.48 -2.65
C GLU A 160 15.98 -11.20 -1.33
N TYR A 161 16.97 -11.98 -0.87
CA TYR A 161 16.86 -12.75 0.37
C TYR A 161 17.69 -12.14 1.53
N PHE A 162 18.29 -10.97 1.30
CA PHE A 162 18.92 -10.16 2.38
C PHE A 162 19.97 -10.96 3.17
N ASP A 163 20.76 -11.73 2.43
CA ASP A 163 21.86 -12.52 3.04
C ASP A 163 21.46 -13.64 4.01
N VAL A 164 20.19 -14.00 4.07
CA VAL A 164 19.72 -15.08 4.90
C VAL A 164 20.03 -16.43 4.26
N GLU A 165 20.34 -17.39 5.11
CA GLU A 165 20.67 -18.74 4.72
C GLU A 165 19.53 -19.69 5.08
N PHE A 166 19.29 -20.65 4.20
CA PHE A 166 18.22 -21.60 4.41
C PHE A 166 18.83 -23.01 4.34
N ASP A 167 18.90 -23.67 5.48
CA ASP A 167 19.38 -25.07 5.55
C ASP A 167 18.59 -25.98 4.69
N ASP A 168 17.25 -25.86 4.79
CA ASP A 168 16.36 -26.65 3.97
C ASP A 168 15.60 -25.76 2.94
N PHE A 169 15.04 -26.42 1.93
CA PHE A 169 14.31 -25.70 0.87
C PHE A 169 13.17 -24.89 1.46
N VAL A 170 12.95 -23.70 0.86
CA VAL A 170 11.78 -22.89 1.10
C VAL A 170 11.21 -22.55 -0.29
N PRO A 171 9.92 -22.24 -0.36
CA PRO A 171 9.31 -21.94 -1.68
C PRO A 171 9.80 -20.64 -2.30
N LEU A 172 10.04 -20.66 -3.60
CA LEU A 172 10.23 -19.43 -4.37
C LEU A 172 8.90 -18.66 -4.34
N GLU A 173 9.00 -17.34 -4.43
CA GLU A 173 7.83 -16.51 -4.76
C GLU A 173 7.58 -16.78 -6.28
N PRO A 174 6.37 -17.18 -6.63
CA PRO A 174 6.12 -17.48 -8.03
C PRO A 174 6.13 -16.25 -8.91
N LEU A 175 6.63 -16.44 -10.15
CA LEU A 175 6.63 -15.38 -11.16
C LEU A 175 5.71 -15.73 -12.33
N VAL A 176 4.86 -14.80 -12.73
CA VAL A 176 4.04 -15.00 -13.96
C VAL A 176 4.45 -14.02 -15.04
N VAL A 177 4.42 -14.52 -16.30
CA VAL A 177 4.64 -13.68 -17.47
C VAL A 177 3.43 -13.83 -18.38
N LEU A 178 2.63 -12.78 -18.50
CA LEU A 178 1.30 -12.82 -19.16
C LEU A 178 1.32 -11.90 -20.39
N GLU A 179 0.70 -12.37 -21.49
CA GLU A 179 0.62 -11.61 -22.75
C GLU A 179 -0.77 -11.66 -23.35
N ASP A 180 -1.27 -10.47 -23.70
CA ASP A 180 -2.57 -10.23 -24.37
C ASP A 180 -2.57 -8.76 -24.75
N PRO A 181 -3.22 -8.38 -25.86
CA PRO A 181 -3.28 -6.97 -26.19
C PRO A 181 -4.05 -6.08 -25.16
N ASN A 182 -4.94 -6.68 -24.38
CA ASN A 182 -5.69 -5.93 -23.36
C ASN A 182 -4.88 -5.89 -22.05
N THR A 183 -4.10 -4.84 -21.87
CA THR A 183 -3.18 -4.74 -20.73
C THR A 183 -3.97 -4.66 -19.41
N PRO A 184 -5.06 -3.87 -19.34
CA PRO A 184 -5.86 -3.88 -18.09
C PRO A 184 -6.38 -5.26 -17.69
N LEU A 185 -6.79 -6.08 -18.67
CA LEU A 185 -7.25 -7.43 -18.43
C LEU A 185 -6.11 -8.26 -17.81
N LEU A 186 -4.89 -8.10 -18.32
CA LEU A 186 -3.70 -8.83 -17.78
C LEU A 186 -3.42 -8.39 -16.32
N LEU A 187 -3.53 -7.09 -16.06
CA LEU A 187 -3.28 -6.61 -14.69
C LEU A 187 -4.31 -7.16 -13.71
N GLU A 188 -5.57 -7.18 -14.14
CA GLU A 188 -6.61 -7.81 -13.37
C GLU A 188 -6.40 -9.32 -13.12
N LYS A 189 -5.96 -10.04 -14.14
CA LYS A 189 -5.70 -11.49 -14.01
C LYS A 189 -4.54 -11.71 -13.01
N TYR A 190 -3.49 -10.93 -13.19
CA TYR A 190 -2.35 -10.98 -12.28
C TYR A 190 -2.83 -10.83 -10.86
N ALA A 191 -3.65 -9.81 -10.61
CA ALA A 191 -4.11 -9.52 -9.26
C ALA A 191 -5.04 -10.65 -8.75
N GLU A 192 -5.83 -11.28 -9.61
CA GLU A 192 -6.61 -12.44 -9.19
C GLU A 192 -5.74 -13.60 -8.75
N LEU A 193 -4.63 -13.81 -9.46
CA LEU A 193 -3.70 -14.85 -9.11
C LEU A 193 -3.01 -14.53 -7.75
N VAL A 194 -2.67 -13.25 -7.55
CA VAL A 194 -2.08 -12.82 -6.26
C VAL A 194 -3.08 -13.09 -5.13
N GLY A 195 -4.34 -12.77 -5.36
CA GLY A 195 -5.36 -12.97 -4.31
C GLY A 195 -5.48 -14.44 -3.93
N MET A 196 -5.48 -15.32 -4.92
CA MET A 196 -5.50 -16.78 -4.68
C MET A 196 -4.25 -17.31 -3.92
N GLU A 197 -3.08 -16.89 -4.34
CA GLU A 197 -1.84 -17.33 -3.74
C GLU A 197 -1.78 -16.94 -2.24
N ASN A 198 -2.45 -15.85 -1.86
CA ASN A 198 -2.30 -15.25 -0.53
C ASN A 198 -3.59 -15.28 0.30
N ASN A 199 -4.65 -15.95 -0.16
CA ASN A 199 -5.95 -15.95 0.54
C ASN A 199 -6.34 -14.55 0.95
N ALA A 200 -6.40 -13.66 -0.05
CA ALA A 200 -6.76 -12.26 0.16
C ALA A 200 -8.07 -12.13 0.91
N ARG A 201 -8.15 -11.10 1.73
CA ARG A 201 -9.41 -10.73 2.38
C ARG A 201 -10.14 -9.66 1.53
N VAL A 202 -11.32 -9.99 1.03
CA VAL A 202 -12.13 -9.04 0.30
C VAL A 202 -13.46 -8.92 1.03
N PRO A 203 -13.53 -7.97 1.99
CA PRO A 203 -14.77 -7.78 2.74
C PRO A 203 -15.98 -7.64 1.79
N LYS A 204 -17.09 -8.23 2.20
CA LYS A 204 -18.37 -8.08 1.52
C LYS A 204 -19.01 -6.69 1.74
N HIS A 205 -18.65 -6.06 2.84
CA HIS A 205 -19.14 -4.73 3.17
C HIS A 205 -17.99 -3.74 3.23
N THR A 206 -18.18 -2.60 2.59
CA THR A 206 -17.26 -1.50 2.72
C THR A 206 -17.72 -0.43 3.71
N PRO A 207 -16.89 -0.16 4.73
CA PRO A 207 -17.19 0.88 5.71
C PRO A 207 -17.23 2.26 5.08
N THR A 208 -18.16 3.08 5.56
CA THR A 208 -18.10 4.53 5.43
C THR A 208 -17.70 5.14 6.78
N GLY A 209 -17.20 6.35 6.74
CA GLY A 209 -16.78 7.03 7.95
C GLY A 209 -16.13 8.39 7.82
N TRP A 210 -15.66 8.85 8.97
CA TRP A 210 -14.99 10.09 9.17
C TRP A 210 -13.58 9.85 9.72
N CYS A 211 -12.63 10.67 9.26
CA CYS A 211 -11.25 10.67 9.72
C CYS A 211 -10.86 12.11 10.06
N SER A 212 -10.10 12.29 11.14
CA SER A 212 -9.73 13.62 11.58
C SER A 212 -8.63 14.31 10.79
N TRP A 213 -7.79 13.56 10.07
CA TRP A 213 -6.48 14.06 9.73
C TRP A 213 -6.44 15.26 8.79
N TYR A 214 -7.24 15.21 7.72
CA TYR A 214 -7.03 16.15 6.61
C TYR A 214 -7.79 17.48 6.81
N HIS A 215 -8.33 17.66 8.01
CA HIS A 215 -8.77 19.00 8.49
C HIS A 215 -7.91 19.49 9.64
N TYR A 216 -7.72 18.65 10.66
CA TYR A 216 -7.14 19.08 11.93
C TYR A 216 -5.67 18.79 12.08
N PHE A 217 -5.19 17.77 11.32
CA PHE A 217 -3.78 17.36 11.36
C PHE A 217 -3.36 17.11 12.84
N LEU A 218 -2.17 17.50 13.23
CA LEU A 218 -1.76 17.26 14.60
C LEU A 218 -2.43 18.16 15.60
N ASP A 219 -3.20 19.13 15.13
CA ASP A 219 -3.75 20.13 16.06
C ASP A 219 -5.13 19.77 16.49
N LEU A 220 -5.63 18.58 16.11
CA LEU A 220 -6.89 18.12 16.62
C LEU A 220 -6.96 18.19 18.20
N THR A 221 -8.07 18.68 18.71
CA THR A 221 -8.31 18.70 20.14
C THR A 221 -9.50 17.80 20.36
N TRP A 222 -9.62 17.26 21.57
CA TRP A 222 -10.83 16.51 21.89
C TRP A 222 -12.12 17.35 21.82
N GLU A 223 -12.03 18.63 22.14
CA GLU A 223 -13.19 19.54 22.03
C GLU A 223 -13.73 19.62 20.59
N GLU A 224 -12.82 19.83 19.64
CA GLU A 224 -13.18 19.79 18.21
C GLU A 224 -13.72 18.39 17.80
N THR A 225 -13.10 17.32 18.33
CA THR A 225 -13.56 15.98 18.04
C THR A 225 -15.00 15.78 18.45
N LEU A 226 -15.36 16.21 19.67
CA LEU A 226 -16.72 16.06 20.17
C LEU A 226 -17.72 16.84 19.34
N LYS A 227 -17.31 18.02 18.91
CA LYS A 227 -18.20 18.82 18.02
C LYS A 227 -18.54 18.07 16.74
N ASN A 228 -17.52 17.44 16.11
CA ASN A 228 -17.73 16.61 14.93
C ASN A 228 -18.48 15.35 15.18
N LEU A 229 -18.30 14.75 16.37
CA LEU A 229 -19.02 13.55 16.70
C LEU A 229 -20.54 13.76 16.73
N LYS A 230 -20.97 14.93 17.23
CA LYS A 230 -22.43 15.29 17.24
C LYS A 230 -22.99 15.52 15.81
N LEU A 231 -22.24 16.25 15.00
CA LEU A 231 -22.62 16.53 13.61
C LEU A 231 -22.61 15.33 12.72
N ALA A 232 -21.68 14.39 12.98
CA ALA A 232 -21.60 13.14 12.21
C ALA A 232 -22.86 12.32 12.20
N LYS A 233 -23.75 12.59 13.16
CA LYS A 233 -25.07 11.96 13.15
C LYS A 233 -25.98 12.34 11.95
N ASN A 234 -25.74 13.48 11.33
CA ASN A 234 -26.46 13.92 10.11
C ASN A 234 -25.82 13.47 8.77
N PHE A 235 -24.76 12.65 8.82
CA PHE A 235 -23.98 12.26 7.63
C PHE A 235 -23.98 10.74 7.63
N PRO A 236 -23.77 10.09 6.46
CA PRO A 236 -23.91 8.66 6.39
C PRO A 236 -22.64 7.90 6.79
N PHE A 237 -22.20 8.09 8.03
CA PHE A 237 -20.93 7.54 8.50
C PHE A 237 -21.14 6.38 9.50
N GLU A 238 -20.44 5.27 9.28
CA GLU A 238 -20.47 4.12 10.19
C GLU A 238 -19.33 4.19 11.18
N VAL A 239 -18.13 4.56 10.67
CA VAL A 239 -16.87 4.61 11.43
C VAL A 239 -16.49 6.04 11.79
N PHE A 240 -16.04 6.28 13.03
CA PHE A 240 -15.55 7.56 13.46
C PHE A 240 -14.14 7.30 13.94
N GLN A 241 -13.17 7.70 13.11
CA GLN A 241 -11.75 7.40 13.36
C GLN A 241 -10.90 8.58 13.78
N ILE A 242 -10.22 8.44 14.92
CA ILE A 242 -9.27 9.39 15.38
C ILE A 242 -7.91 9.09 14.76
N ASP A 243 -7.29 10.11 14.13
CA ASP A 243 -5.95 9.97 13.50
C ASP A 243 -4.87 10.45 14.43
N ASP A 244 -3.64 10.56 13.95
CA ASP A 244 -2.44 11.06 14.69
C ASP A 244 -2.75 12.44 15.28
N ALA A 245 -2.53 12.56 16.59
CA ALA A 245 -2.74 13.80 17.41
C ALA A 245 -2.95 13.44 18.89
N TYR A 246 -3.65 12.35 19.13
CA TYR A 246 -4.12 12.00 20.51
C TYR A 246 -2.98 11.48 21.45
N GLU A 247 -1.95 10.93 20.84
CA GLU A 247 -0.94 10.18 21.54
C GLU A 247 0.23 11.01 22.01
N LYS A 248 0.78 10.68 23.17
CA LYS A 248 1.87 11.52 23.69
C LYS A 248 3.15 11.37 22.90
N ASP A 249 3.43 10.15 22.44
CA ASP A 249 4.65 9.93 21.64
C ASP A 249 4.45 8.67 20.75
N ILE A 250 5.26 8.59 19.69
CA ILE A 250 5.22 7.45 18.78
C ILE A 250 5.78 6.19 19.42
N GLY A 251 4.88 5.23 19.65
CA GLY A 251 5.17 4.04 20.43
C GLY A 251 4.39 3.97 21.72
N ASP A 252 3.99 5.14 22.26
CA ASP A 252 3.27 5.20 23.54
C ASP A 252 1.78 5.37 23.29
N TRP A 253 1.16 4.33 22.70
CA TRP A 253 -0.16 4.42 22.10
C TRP A 253 -1.31 4.47 23.09
N LEU A 254 -1.04 4.10 24.34
CA LEU A 254 -2.07 4.15 25.36
C LEU A 254 -1.91 5.34 26.32
N VAL A 255 -1.00 6.25 26.02
CA VAL A 255 -0.75 7.48 26.82
C VAL A 255 -1.22 8.65 25.98
N THR A 256 -2.23 9.41 26.46
CA THR A 256 -2.71 10.58 25.74
C THR A 256 -2.09 11.94 26.15
N ARG A 257 -2.32 12.98 25.35
CA ARG A 257 -1.76 14.32 25.59
C ARG A 257 -2.90 15.38 25.47
N GLY A 258 -2.56 16.65 25.78
CA GLY A 258 -3.52 17.77 25.61
C GLY A 258 -4.79 17.58 26.38
N ASP A 259 -5.92 17.84 25.74
CA ASP A 259 -7.24 17.67 26.31
C ASP A 259 -7.94 16.32 26.07
N PHE A 260 -7.19 15.31 25.59
CA PHE A 260 -7.83 14.04 25.32
C PHE A 260 -8.10 13.27 26.65
N PRO A 261 -9.23 12.58 26.74
CA PRO A 261 -9.29 11.63 27.86
C PRO A 261 -8.36 10.40 27.58
N SER A 262 -8.62 9.32 28.29
CA SER A 262 -7.94 8.05 28.04
C SER A 262 -8.38 7.45 26.70
N VAL A 263 -7.49 6.62 26.13
CA VAL A 263 -7.82 5.90 24.93
C VAL A 263 -9.06 5.04 25.09
N GLU A 264 -9.23 4.43 26.27
CA GLU A 264 -10.44 3.70 26.57
C GLU A 264 -11.68 4.63 26.65
N GLU A 265 -11.53 5.77 27.28
CA GLU A 265 -12.66 6.75 27.39
C GLU A 265 -13.03 7.28 26.01
N MET A 266 -12.04 7.50 25.14
CA MET A 266 -12.35 7.92 23.78
C MET A 266 -13.26 6.94 23.11
N ALA A 267 -12.92 5.64 23.16
CA ALA A 267 -13.75 4.63 22.62
C ALA A 267 -15.18 4.59 23.17
N LYS A 268 -15.27 4.75 24.49
CA LYS A 268 -16.58 4.68 25.12
C LYS A 268 -17.48 5.87 24.70
N VAL A 269 -16.93 7.08 24.58
CA VAL A 269 -17.72 8.24 24.09
C VAL A 269 -18.17 8.01 22.66
N ILE A 270 -17.24 7.57 21.81
CA ILE A 270 -17.56 7.37 20.43
C ILE A 270 -18.63 6.33 20.27
N ALA A 271 -18.52 5.21 20.98
CA ALA A 271 -19.53 4.15 20.89
C ALA A 271 -20.85 4.63 21.54
N GLU A 272 -20.76 5.38 22.65
CA GLU A 272 -22.00 5.90 23.29
C GLU A 272 -22.78 6.75 22.26
N ASN A 273 -22.05 7.41 21.35
CA ASN A 273 -22.65 8.26 20.34
C ASN A 273 -23.04 7.53 19.09
N GLY A 274 -22.92 6.20 19.05
CA GLY A 274 -23.48 5.40 17.98
C GLY A 274 -22.57 5.09 16.78
N PHE A 275 -21.25 5.28 16.94
CA PHE A 275 -20.31 4.99 15.85
C PHE A 275 -19.40 3.81 16.17
N ILE A 276 -18.86 3.19 15.13
CA ILE A 276 -17.75 2.24 15.34
C ILE A 276 -16.50 3.01 15.63
N PRO A 277 -15.87 2.79 16.80
CA PRO A 277 -14.66 3.55 17.03
C PRO A 277 -13.47 3.06 16.20
N GLY A 278 -12.74 4.03 15.65
CA GLY A 278 -11.53 3.71 14.85
C GLY A 278 -10.38 4.50 15.37
N ILE A 279 -9.14 4.00 15.22
CA ILE A 279 -7.97 4.68 15.72
C ILE A 279 -6.72 4.37 14.89
N TRP A 280 -5.91 5.41 14.76
CA TRP A 280 -4.62 5.41 14.05
C TRP A 280 -3.52 5.01 15.00
N THR A 281 -2.64 4.11 14.54
CA THR A 281 -1.35 3.91 15.20
C THR A 281 -0.29 3.74 14.13
N ALA A 282 0.98 3.81 14.53
CA ALA A 282 2.13 3.44 13.67
C ALA A 282 2.89 2.34 14.39
N PRO A 283 2.38 1.09 14.31
CA PRO A 283 2.70 0.14 15.36
C PRO A 283 4.09 -0.49 15.32
N PHE A 284 4.77 -0.40 14.18
CA PHE A 284 6.14 -0.88 14.09
C PHE A 284 7.19 0.20 14.35
N SER A 285 6.77 1.39 14.75
CA SER A 285 7.63 2.56 14.91
C SER A 285 7.73 2.94 16.44
N VAL A 286 8.93 3.28 16.89
CA VAL A 286 9.10 3.87 18.22
C VAL A 286 10.10 5.02 18.13
N SER A 287 9.70 6.20 18.58
CA SER A 287 10.61 7.34 18.49
C SER A 287 11.71 7.28 19.57
N GLU A 288 12.78 8.02 19.29
CA GLU A 288 13.93 8.14 20.20
C GLU A 288 13.54 8.71 21.56
N THR A 289 12.43 9.41 21.64
CA THR A 289 11.95 9.98 22.90
C THR A 289 10.91 9.14 23.65
N SER A 290 10.35 8.11 23.01
CA SER A 290 9.21 7.41 23.58
C SER A 290 9.60 6.64 24.86
N ASP A 291 8.63 6.46 25.72
CA ASP A 291 8.81 5.59 26.91
C ASP A 291 9.16 4.18 26.49
N VAL A 292 8.47 3.66 25.48
CA VAL A 292 8.73 2.28 25.12
C VAL A 292 10.17 2.05 24.67
N PHE A 293 10.72 2.97 23.85
CA PHE A 293 12.10 2.83 23.39
C PHE A 293 13.11 2.99 24.55
N ASN A 294 12.82 3.92 25.45
CA ASN A 294 13.77 4.25 26.53
C ASN A 294 13.73 3.10 27.58
N GLU A 295 12.60 2.41 27.68
CA GLU A 295 12.47 1.20 28.53
C GLU A 295 13.10 -0.01 27.89
N HIS A 296 13.08 -0.09 26.56
CA HIS A 296 13.46 -1.30 25.83
C HIS A 296 14.34 -1.02 24.64
N PRO A 297 15.58 -0.64 24.88
CA PRO A 297 16.47 -0.29 23.77
C PRO A 297 16.91 -1.45 22.92
N ASP A 298 16.68 -2.65 23.46
N ASP A 298 16.87 -2.69 23.39
CA ASP A 298 16.98 -3.91 22.82
CA ASP A 298 17.18 -3.82 22.49
C ASP A 298 15.91 -4.33 21.78
C ASP A 298 15.87 -4.41 21.84
N TRP A 299 14.79 -3.63 21.75
CA TRP A 299 13.58 -4.05 20.96
C TRP A 299 13.57 -3.59 19.53
N VAL A 300 14.65 -2.98 19.05
CA VAL A 300 14.69 -2.33 17.75
C VAL A 300 15.68 -2.96 16.82
N VAL A 301 15.46 -2.78 15.53
CA VAL A 301 16.40 -3.20 14.49
C VAL A 301 17.70 -2.40 14.64
N LYS A 302 18.83 -3.04 14.35
CA LYS A 302 20.13 -2.42 14.64
C LYS A 302 21.06 -2.31 13.45
N GLU A 303 22.02 -1.42 13.55
CA GLU A 303 23.11 -1.32 12.56
C GLU A 303 24.39 -1.19 13.37
N ASN A 304 25.34 -2.11 13.14
CA ASN A 304 26.59 -2.22 13.93
C ASN A 304 26.28 -2.22 15.40
N GLY A 305 25.28 -3.00 15.78
CA GLY A 305 24.87 -3.11 17.15
C GLY A 305 24.08 -2.00 17.80
N GLU A 306 23.85 -0.88 17.11
CA GLU A 306 23.15 0.26 17.69
C GLU A 306 21.81 0.47 16.95
N PRO A 307 20.88 1.24 17.54
CA PRO A 307 19.58 1.45 16.93
C PRO A 307 19.70 2.11 15.55
N LYS A 308 19.03 1.52 14.57
CA LYS A 308 19.06 1.98 13.20
C LYS A 308 17.84 2.84 12.92
N MET A 309 18.08 4.10 12.56
CA MET A 309 17.00 4.96 12.17
C MET A 309 16.26 4.36 10.96
N ALA A 310 14.95 4.21 11.11
CA ALA A 310 14.08 3.70 10.05
C ALA A 310 13.55 4.82 9.12
N TYR A 311 13.34 6.01 9.72
CA TYR A 311 12.90 7.20 9.03
C TYR A 311 12.92 8.35 10.08
N ARG A 312 12.85 9.59 9.61
CA ARG A 312 12.73 10.77 10.48
C ARG A 312 11.42 11.41 10.17
N ASN A 313 10.62 11.62 11.20
CA ASN A 313 9.31 12.27 11.08
C ASN A 313 9.00 12.86 12.43
N TRP A 314 8.03 13.76 12.46
CA TRP A 314 7.66 14.50 13.69
C TRP A 314 8.88 15.19 14.36
N ASN A 315 9.89 15.54 13.56
CA ASN A 315 11.16 16.15 14.01
C ASN A 315 11.87 15.28 15.05
N LYS A 316 11.84 13.96 14.83
CA LYS A 316 12.51 12.97 15.70
C LYS A 316 13.01 11.80 14.88
N LYS A 317 14.08 11.17 15.34
CA LYS A 317 14.52 9.88 14.80
C LYS A 317 13.48 8.84 15.22
N ILE A 318 13.06 7.99 14.28
CA ILE A 318 12.14 6.93 14.55
C ILE A 318 12.81 5.59 14.27
N TYR A 319 12.69 4.66 15.24
CA TYR A 319 13.29 3.34 15.11
C TYR A 319 12.23 2.29 14.80
N ALA A 320 12.67 1.16 14.27
CA ALA A 320 11.80 0.04 13.91
C ALA A 320 11.82 -1.04 14.97
N LEU A 321 10.63 -1.49 15.37
CA LEU A 321 10.52 -2.66 16.21
C LEU A 321 11.05 -3.90 15.46
N ASP A 322 11.84 -4.70 16.15
CA ASP A 322 12.38 -5.96 15.64
C ASP A 322 11.32 -7.03 15.87
N LEU A 323 10.58 -7.31 14.80
CA LEU A 323 9.49 -8.24 14.81
C LEU A 323 9.90 -9.72 14.82
N SER A 324 11.21 -10.00 14.86
CA SER A 324 11.66 -11.36 15.14
C SER A 324 11.66 -11.69 16.62
N LYS A 325 11.48 -10.70 17.50
CA LYS A 325 11.62 -10.93 18.97
C LYS A 325 10.27 -11.24 19.56
N ASP A 326 10.19 -12.32 20.34
CA ASP A 326 8.93 -12.68 20.95
C ASP A 326 8.41 -11.61 21.96
N GLU A 327 9.32 -10.92 22.68
CA GLU A 327 8.91 -9.86 23.61
C GLU A 327 8.17 -8.75 22.85
N VAL A 328 8.65 -8.46 21.65
CA VAL A 328 8.03 -7.42 20.83
C VAL A 328 6.63 -7.87 20.32
N LEU A 329 6.56 -9.07 19.77
CA LEU A 329 5.29 -9.63 19.32
C LEU A 329 4.29 -9.77 20.47
N ASN A 330 4.75 -10.16 21.68
CA ASN A 330 3.81 -10.11 22.82
C ASN A 330 3.30 -8.71 23.17
N TRP A 331 4.16 -7.71 23.09
CA TRP A 331 3.75 -6.33 23.37
C TRP A 331 2.71 -5.88 22.33
N LEU A 332 2.94 -6.20 21.06
CA LEU A 332 1.97 -5.89 19.98
C LEU A 332 0.63 -6.57 20.21
N PHE A 333 0.68 -7.86 20.57
CA PHE A 333 -0.54 -8.60 20.83
C PHE A 333 -1.32 -7.93 21.97
N ASP A 334 -0.62 -7.63 23.07
N ASP A 334 -0.60 -7.62 23.06
CA ASP A 334 -1.29 -7.07 24.24
CA ASP A 334 -1.20 -7.01 24.26
C ASP A 334 -1.85 -5.67 23.94
C ASP A 334 -1.87 -5.70 23.89
N LEU A 335 -1.13 -4.87 23.15
CA LEU A 335 -1.60 -3.54 22.77
C LEU A 335 -2.91 -3.67 21.99
N PHE A 336 -2.88 -4.44 20.90
CA PHE A 336 -4.09 -4.52 20.03
C PHE A 336 -5.22 -5.31 20.66
N SER A 337 -4.89 -6.26 21.53
CA SER A 337 -5.88 -6.90 22.41
C SER A 337 -6.56 -5.89 23.33
N SER A 338 -5.78 -5.00 23.91
CA SER A 338 -6.35 -3.97 24.83
C SER A 338 -7.25 -3.05 24.05
N LEU A 339 -6.81 -2.64 22.86
CA LEU A 339 -7.63 -1.75 22.05
C LEU A 339 -8.94 -2.39 21.68
N ARG A 340 -8.91 -3.66 21.34
CA ARG A 340 -10.13 -4.44 20.98
C ARG A 340 -11.09 -4.48 22.22
N LYS A 341 -10.52 -4.71 23.40
CA LYS A 341 -11.34 -4.77 24.64
C LYS A 341 -12.04 -3.45 24.90
N MET A 342 -11.38 -2.35 24.57
CA MET A 342 -11.97 -1.02 24.71
C MET A 342 -13.13 -0.75 23.77
N GLY A 343 -13.23 -1.51 22.69
CA GLY A 343 -14.34 -1.36 21.74
C GLY A 343 -13.91 -0.85 20.35
N TYR A 344 -12.61 -0.64 20.13
CA TYR A 344 -12.18 -0.27 18.73
C TYR A 344 -12.39 -1.45 17.80
N ARG A 345 -12.95 -1.19 16.62
CA ARG A 345 -13.10 -2.19 15.61
C ARG A 345 -12.71 -1.70 14.21
N TYR A 346 -11.95 -0.61 14.17
CA TYR A 346 -11.38 -0.12 12.90
C TYR A 346 -10.00 0.40 13.22
N PHE A 347 -8.98 -0.14 12.55
CA PHE A 347 -7.60 0.16 12.89
C PHE A 347 -6.82 0.63 11.68
N LYS A 348 -6.45 1.91 11.66
CA LYS A 348 -5.56 2.42 10.58
C LYS A 348 -4.12 2.21 11.11
N ILE A 349 -3.37 1.32 10.48
CA ILE A 349 -2.04 0.95 10.97
C ILE A 349 -1.05 1.47 9.94
N ASP A 350 -0.23 2.42 10.36
CA ASP A 350 0.53 3.30 9.42
C ASP A 350 2.04 3.09 9.58
N PHE A 351 2.76 3.62 8.60
CA PHE A 351 4.23 3.55 8.53
C PHE A 351 4.73 2.12 8.63
N LEU A 352 3.97 1.20 8.06
CA LEU A 352 4.28 -0.21 8.27
C LEU A 352 5.63 -0.60 7.60
N PHE A 353 6.06 0.15 6.61
CA PHE A 353 7.36 -0.11 5.97
C PHE A 353 8.47 -0.24 7.03
N ALA A 354 8.30 0.45 8.15
CA ALA A 354 9.36 0.42 9.20
C ALA A 354 9.69 -1.02 9.66
N GLY A 355 8.68 -1.86 9.70
CA GLY A 355 8.85 -3.22 10.18
C GLY A 355 9.64 -4.09 9.24
N ALA A 356 9.79 -3.63 7.97
CA ALA A 356 10.51 -4.33 6.91
C ALA A 356 11.79 -3.65 6.51
N VAL A 357 12.35 -2.79 7.38
CA VAL A 357 13.62 -2.16 6.94
C VAL A 357 14.75 -3.20 7.00
N PRO A 358 15.70 -3.10 6.09
CA PRO A 358 16.90 -4.00 6.20
C PRO A 358 17.70 -3.63 7.45
N GLY A 359 18.21 -4.66 8.10
CA GLY A 359 19.05 -4.45 9.25
C GLY A 359 19.25 -5.69 10.09
N GLU A 360 19.88 -5.47 11.26
CA GLU A 360 20.18 -6.58 12.17
C GLU A 360 19.01 -6.85 13.09
N ARG A 361 18.55 -8.08 13.12
CA ARG A 361 17.51 -8.54 14.02
C ARG A 361 18.01 -9.70 14.89
N LYS A 362 17.26 -10.04 15.91
CA LYS A 362 17.66 -11.08 16.88
C LYS A 362 17.74 -12.44 16.19
N LYS A 363 16.79 -12.71 15.31
CA LYS A 363 16.84 -13.91 14.54
C LYS A 363 17.29 -13.61 13.13
N ASN A 364 17.94 -14.58 12.49
CA ASN A 364 18.47 -14.37 11.16
C ASN A 364 17.37 -14.74 10.14
N ILE A 365 16.34 -13.90 10.12
CA ILE A 365 15.20 -14.02 9.18
C ILE A 365 15.18 -12.76 8.29
N THR A 366 14.47 -12.83 7.14
CA THR A 366 14.47 -11.65 6.26
C THR A 366 13.59 -10.53 6.88
N PRO A 367 13.80 -9.31 6.42
CA PRO A 367 12.89 -8.23 6.89
C PRO A 367 11.44 -8.53 6.52
N ILE A 368 11.24 -9.26 5.40
CA ILE A 368 9.87 -9.54 4.95
C ILE A 368 9.26 -10.60 5.88
N GLN A 369 10.03 -11.64 6.25
CA GLN A 369 9.54 -12.62 7.22
C GLN A 369 9.15 -11.95 8.57
N ALA A 370 9.98 -11.01 9.00
CA ALA A 370 9.76 -10.27 10.25
C ALA A 370 8.47 -9.44 10.14
N PHE A 371 8.40 -8.69 9.06
CA PHE A 371 7.17 -7.92 8.76
C PHE A 371 5.89 -8.75 8.87
N ARG A 372 5.88 -9.89 8.21
CA ARG A 372 4.68 -10.75 8.21
C ARG A 372 4.34 -11.26 9.61
N LYS A 373 5.35 -11.62 10.42
CA LYS A 373 5.05 -12.04 11.81
C LYS A 373 4.34 -10.89 12.56
N GLY A 374 4.81 -9.65 12.37
CA GLY A 374 4.20 -8.53 13.04
C GLY A 374 2.76 -8.28 12.60
N ILE A 375 2.49 -8.22 11.31
N ILE A 375 2.50 -8.28 11.31
CA ILE A 375 1.08 -7.95 10.92
CA ILE A 375 1.14 -8.00 10.84
C ILE A 375 0.15 -9.13 11.26
C ILE A 375 0.17 -9.13 11.23
N GLU A 376 0.66 -10.36 11.16
CA GLU A 376 -0.14 -11.55 11.57
C GLU A 376 -0.54 -11.48 13.05
N THR A 377 0.37 -10.96 13.87
CA THR A 377 0.11 -10.79 15.30
C THR A 377 -0.96 -9.76 15.55
N ILE A 378 -0.92 -8.67 14.79
CA ILE A 378 -1.97 -7.65 14.89
C ILE A 378 -3.34 -8.25 14.52
N ARG A 379 -3.43 -8.96 13.41
N ARG A 379 -3.38 -9.00 13.41
CA ARG A 379 -4.70 -9.55 13.00
CA ARG A 379 -4.59 -9.63 12.89
C ARG A 379 -5.23 -10.49 14.11
C ARG A 379 -5.23 -10.59 13.92
N LYS A 380 -4.38 -11.37 14.59
CA LYS A 380 -4.83 -12.28 15.65
C LYS A 380 -5.42 -11.50 16.85
N ALA A 381 -4.74 -10.43 17.23
CA ALA A 381 -5.14 -9.66 18.40
C ALA A 381 -6.47 -8.93 18.21
N VAL A 382 -6.69 -8.33 17.04
CA VAL A 382 -7.92 -7.58 16.82
C VAL A 382 -9.12 -8.47 16.45
N GLY A 383 -8.86 -9.67 15.98
CA GLY A 383 -9.87 -10.64 15.64
C GLY A 383 -10.48 -10.48 14.26
N GLU A 384 -11.37 -11.40 13.93
CA GLU A 384 -11.93 -11.44 12.55
C GLU A 384 -12.97 -10.41 12.32
N ASP A 385 -13.53 -9.89 13.38
CA ASP A 385 -14.57 -8.88 13.31
C ASP A 385 -14.05 -7.43 13.34
N SER A 386 -12.74 -7.24 13.30
CA SER A 386 -12.17 -5.90 13.22
C SER A 386 -11.73 -5.60 11.80
N PHE A 387 -11.87 -4.37 11.35
CA PHE A 387 -11.35 -3.96 10.03
C PHE A 387 -9.93 -3.40 10.16
N ILE A 388 -8.98 -3.94 9.40
CA ILE A 388 -7.62 -3.43 9.40
C ILE A 388 -7.39 -2.67 8.09
N LEU A 389 -7.03 -1.40 8.23
CA LEU A 389 -6.61 -0.53 7.10
C LEU A 389 -5.09 -0.32 7.17
N GLY A 390 -4.36 -0.86 6.18
CA GLY A 390 -2.94 -0.63 6.07
C GLY A 390 -2.56 0.69 5.44
N CYS A 391 -1.43 1.28 5.86
CA CYS A 391 -1.01 2.56 5.31
C CYS A 391 0.51 2.64 5.44
N GLY A 392 1.11 3.41 4.54
CA GLY A 392 2.57 3.43 4.47
C GLY A 392 3.21 2.06 4.38
N SER A 393 2.56 1.12 3.70
CA SER A 393 2.87 -0.28 3.84
C SER A 393 3.43 -0.93 2.58
N PRO A 394 4.41 -1.83 2.76
CA PRO A 394 4.65 -2.84 1.70
C PRO A 394 3.32 -3.49 1.25
N LEU A 395 3.09 -3.60 -0.08
CA LEU A 395 1.83 -4.06 -0.58
C LEU A 395 1.68 -5.60 -0.59
N LEU A 396 2.46 -6.31 -1.41
CA LEU A 396 2.32 -7.77 -1.49
C LEU A 396 2.40 -8.55 -0.17
N PRO A 397 3.34 -8.23 0.74
CA PRO A 397 3.42 -8.95 2.01
C PRO A 397 2.20 -8.82 2.89
N ALA A 398 1.35 -7.84 2.63
CA ALA A 398 0.16 -7.55 3.49
C ALA A 398 -1.12 -8.19 2.96
N VAL A 399 -1.05 -8.77 1.76
CA VAL A 399 -2.25 -9.42 1.16
C VAL A 399 -2.59 -10.66 1.99
N GLY A 400 -3.85 -10.81 2.33
CA GLY A 400 -4.28 -11.85 3.27
C GLY A 400 -4.45 -11.42 4.73
N CYS A 401 -3.86 -10.28 5.06
N CYS A 401 -3.89 -10.26 5.08
CA CYS A 401 -3.89 -9.81 6.43
CA CYS A 401 -3.90 -9.80 6.48
C CYS A 401 -4.85 -8.63 6.54
C CYS A 401 -4.72 -8.52 6.68
N VAL A 402 -4.58 -7.55 5.78
CA VAL A 402 -5.39 -6.34 5.83
C VAL A 402 -6.73 -6.51 5.08
N ASP A 403 -7.72 -5.75 5.52
CA ASP A 403 -8.98 -5.66 4.83
C ASP A 403 -8.97 -4.55 3.79
N GLY A 404 -8.33 -3.41 4.12
CA GLY A 404 -8.27 -2.28 3.23
C GLY A 404 -6.84 -1.81 3.18
N MET A 405 -6.47 -1.09 2.15
CA MET A 405 -5.08 -0.59 2.03
C MET A 405 -4.99 0.73 1.30
N ARG A 406 -4.32 1.70 1.93
CA ARG A 406 -4.00 2.97 1.25
C ARG A 406 -3.04 2.65 0.08
N ILE A 407 -3.42 3.08 -1.11
CA ILE A 407 -2.64 2.75 -2.32
C ILE A 407 -2.11 4.00 -3.02
N GLY A 408 -2.18 5.17 -2.39
CA GLY A 408 -1.44 6.32 -2.91
C GLY A 408 -0.86 7.22 -1.86
N PRO A 409 -0.12 8.24 -2.31
CA PRO A 409 0.40 9.26 -1.43
C PRO A 409 -0.74 10.07 -0.86
N ASP A 410 -0.46 10.84 0.20
CA ASP A 410 -1.52 11.58 0.85
C ASP A 410 -2.23 12.57 -0.06
N THR A 411 -3.55 12.61 0.07
CA THR A 411 -4.32 13.72 -0.47
C THR A 411 -4.10 15.00 0.35
N ALA A 412 -4.80 16.07 -0.01
CA ALA A 412 -4.56 17.38 0.58
C ALA A 412 -5.77 18.26 0.23
N PRO A 413 -6.04 19.27 1.07
CA PRO A 413 -7.10 20.22 0.75
C PRO A 413 -6.65 21.24 -0.29
N PHE A 414 -5.92 20.78 -1.29
CA PHE A 414 -5.50 21.56 -2.42
C PHE A 414 -5.10 20.58 -3.53
N TRP A 415 -5.14 21.05 -4.78
CA TRP A 415 -4.90 20.18 -5.94
C TRP A 415 -3.44 19.83 -5.99
N GLY A 416 -2.61 20.83 -5.71
CA GLY A 416 -1.17 20.63 -5.70
C GLY A 416 -0.46 21.11 -6.96
N GLU A 417 -0.81 22.31 -7.45
CA GLU A 417 -0.24 22.81 -8.69
C GLU A 417 1.29 22.80 -8.71
N HIS A 418 1.93 23.18 -7.60
CA HIS A 418 3.41 23.23 -7.56
C HIS A 418 4.02 22.05 -6.84
N ILE A 419 3.25 21.00 -6.64
CA ILE A 419 3.74 19.80 -6.02
C ILE A 419 4.16 18.81 -7.14
N GLU A 420 5.42 18.41 -7.13
CA GLU A 420 5.89 17.40 -8.09
C GLU A 420 5.45 16.02 -7.66
N ASP A 421 5.61 15.06 -8.57
CA ASP A 421 5.23 13.67 -8.32
C ASP A 421 6.32 12.97 -7.52
N ASN A 422 6.43 13.36 -6.25
N ASN A 422 6.54 13.36 -6.28
CA ASN A 422 7.59 13.11 -5.39
CA ASN A 422 7.60 12.75 -5.47
C ASN A 422 7.23 12.49 -4.02
C ASN A 422 7.20 12.61 -3.99
N GLY A 423 5.92 12.33 -3.76
CA GLY A 423 5.44 11.91 -2.43
C GLY A 423 4.94 13.01 -1.47
N ALA A 424 5.11 14.28 -1.76
CA ALA A 424 4.48 15.33 -0.91
C ALA A 424 2.93 15.30 -1.11
N PRO A 425 2.15 15.67 -0.07
CA PRO A 425 0.70 15.66 -0.21
C PRO A 425 0.23 16.52 -1.37
N ALA A 426 -0.76 15.99 -2.09
CA ALA A 426 -1.43 16.70 -3.24
C ALA A 426 -2.61 15.82 -3.71
N ALA A 427 -3.83 16.39 -3.83
CA ALA A 427 -4.91 15.65 -4.33
C ALA A 427 -4.61 15.05 -5.72
N ARG A 428 -3.92 15.80 -6.59
CA ARG A 428 -3.70 15.30 -7.96
C ARG A 428 -2.89 14.01 -8.02
N TRP A 429 -1.89 13.85 -7.14
CA TRP A 429 -1.08 12.64 -7.19
C TRP A 429 -1.68 11.48 -6.41
N ALA A 430 -2.38 11.76 -5.33
CA ALA A 430 -3.19 10.73 -4.67
C ALA A 430 -4.21 10.09 -5.65
N LEU A 431 -4.91 10.91 -6.41
CA LEU A 431 -5.88 10.37 -7.37
C LEU A 431 -5.23 9.54 -8.48
N ARG A 432 -4.09 9.99 -9.01
CA ARG A 432 -3.36 9.26 -10.04
C ARG A 432 -3.14 7.80 -9.58
N ASN A 433 -2.63 7.58 -8.37
CA ASN A 433 -2.38 6.26 -7.87
C ASN A 433 -3.65 5.43 -7.70
N ALA A 434 -4.75 6.03 -7.29
CA ALA A 434 -6.00 5.27 -7.22
C ALA A 434 -6.35 4.72 -8.59
N ILE A 435 -6.07 5.50 -9.62
CA ILE A 435 -6.30 5.07 -11.00
C ILE A 435 -5.34 3.96 -11.41
N THR A 436 -4.02 4.20 -11.27
CA THR A 436 -3.08 3.25 -11.78
C THR A 436 -2.97 1.95 -10.99
N ARG A 437 -3.41 1.94 -9.71
CA ARG A 437 -3.47 0.72 -8.94
C ARG A 437 -4.87 0.13 -8.83
N TYR A 438 -5.80 0.58 -9.68
CA TYR A 438 -7.21 0.22 -9.52
C TYR A 438 -7.45 -1.30 -9.48
N PHE A 439 -6.60 -2.04 -10.16
CA PHE A 439 -6.73 -3.48 -10.37
C PHE A 439 -6.48 -4.29 -9.12
N MET A 440 -5.87 -3.68 -8.10
CA MET A 440 -5.75 -4.40 -6.82
C MET A 440 -7.09 -4.45 -6.07
N HIS A 441 -8.00 -3.55 -6.40
CA HIS A 441 -9.24 -3.43 -5.66
C HIS A 441 -10.15 -4.65 -5.86
N ASP A 442 -10.70 -5.13 -4.74
CA ASP A 442 -11.55 -6.34 -4.71
C ASP A 442 -10.83 -7.58 -5.18
N ARG A 443 -9.48 -7.57 -5.18
CA ARG A 443 -8.65 -8.70 -5.48
C ARG A 443 -7.60 -8.91 -4.39
N PHE A 444 -6.86 -7.85 -4.02
CA PHE A 444 -5.90 -7.91 -2.90
C PHE A 444 -6.55 -7.62 -1.56
N TRP A 445 -7.58 -6.77 -1.62
CA TRP A 445 -8.15 -6.07 -0.47
C TRP A 445 -9.15 -5.02 -1.02
N LEU A 446 -9.74 -4.21 -0.16
CA LEU A 446 -10.37 -2.97 -0.57
C LEU A 446 -9.33 -1.83 -0.73
N ASN A 447 -9.26 -1.22 -1.90
CA ASN A 447 -8.42 -0.03 -2.10
C ASN A 447 -8.95 1.16 -1.36
N ASP A 448 -8.04 1.86 -0.66
CA ASP A 448 -8.36 3.12 -0.01
C ASP A 448 -7.67 4.19 -0.83
N PRO A 449 -8.44 5.05 -1.48
CA PRO A 449 -7.87 6.12 -2.33
C PRO A 449 -7.52 7.40 -1.53
N ASP A 450 -7.66 7.33 -0.20
CA ASP A 450 -7.50 8.45 0.74
C ASP A 450 -8.79 9.31 0.78
N CYS A 451 -8.86 10.16 1.77
CA CYS A 451 -10.13 10.72 2.20
C CYS A 451 -10.67 11.74 1.22
N LEU A 452 -11.99 11.76 1.13
CA LEU A 452 -12.66 12.88 0.44
C LEU A 452 -12.65 14.13 1.31
N ILE A 453 -12.40 15.30 0.67
CA ILE A 453 -12.35 16.60 1.35
C ILE A 453 -13.41 17.48 0.70
N LEU A 454 -14.56 17.65 1.38
CA LEU A 454 -15.77 18.17 0.75
C LEU A 454 -16.22 19.48 1.41
N ARG A 455 -15.40 20.01 2.30
CA ARG A 455 -15.74 21.31 2.97
C ARG A 455 -15.68 22.46 1.96
N GLU A 456 -16.41 23.57 2.26
CA GLU A 456 -16.40 24.78 1.40
C GLU A 456 -15.65 25.98 1.90
N GLU A 457 -15.05 25.88 3.09
CA GLU A 457 -14.21 26.91 3.64
C GLU A 457 -12.98 26.13 4.11
N LYS A 458 -11.89 26.83 4.39
CA LYS A 458 -10.61 26.23 4.78
C LYS A 458 -10.15 25.17 3.76
N THR A 459 -10.27 25.54 2.49
CA THR A 459 -9.72 24.75 1.38
C THR A 459 -9.55 25.59 0.13
N ASP A 460 -8.59 25.20 -0.71
CA ASP A 460 -8.43 25.82 -2.04
C ASP A 460 -8.97 24.93 -3.18
N LEU A 461 -9.53 23.77 -2.86
CA LEU A 461 -10.22 22.93 -3.87
C LEU A 461 -11.47 23.61 -4.40
N THR A 462 -11.66 23.54 -5.70
CA THR A 462 -12.90 24.04 -6.33
C THR A 462 -13.96 22.99 -6.26
N GLN A 463 -15.21 23.37 -6.50
CA GLN A 463 -16.29 22.39 -6.58
C GLN A 463 -16.00 21.31 -7.66
N LYS A 464 -15.51 21.71 -8.83
CA LYS A 464 -15.16 20.76 -9.88
C LYS A 464 -14.04 19.79 -9.49
N GLU A 465 -13.05 20.27 -8.76
CA GLU A 465 -11.98 19.36 -8.28
C GLU A 465 -12.48 18.38 -7.24
N LYS A 466 -13.38 18.81 -6.35
CA LYS A 466 -13.96 17.91 -5.37
C LYS A 466 -14.79 16.83 -6.05
N GLU A 467 -15.54 17.23 -7.09
CA GLU A 467 -16.33 16.30 -7.88
C GLU A 467 -15.49 15.27 -8.58
N LEU A 468 -14.45 15.75 -9.23
CA LEU A 468 -13.56 14.90 -10.01
C LEU A 468 -12.96 13.83 -9.09
N TYR A 469 -12.44 14.27 -7.96
CA TYR A 469 -11.83 13.30 -6.98
C TYR A 469 -12.85 12.27 -6.49
N SER A 470 -13.98 12.79 -6.03
CA SER A 470 -14.98 11.95 -5.37
C SER A 470 -15.67 10.98 -6.34
N TYR A 471 -16.08 11.48 -7.50
CA TYR A 471 -16.74 10.60 -8.44
C TYR A 471 -15.81 9.51 -9.04
N THR A 472 -14.53 9.84 -9.26
CA THR A 472 -13.56 8.84 -9.70
C THR A 472 -13.46 7.75 -8.65
N CYS A 473 -13.37 8.12 -7.37
CA CYS A 473 -13.28 7.12 -6.28
C CYS A 473 -14.52 6.23 -6.23
N GLY A 474 -15.70 6.83 -6.46
CA GLY A 474 -16.95 6.05 -6.55
C GLY A 474 -17.01 5.08 -7.69
N VAL A 475 -16.65 5.52 -8.89
CA VAL A 475 -16.66 4.64 -10.08
C VAL A 475 -15.70 3.45 -9.85
N LEU A 476 -14.58 3.72 -9.15
CA LEU A 476 -13.59 2.72 -8.90
C LEU A 476 -14.00 1.76 -7.73
N ASP A 477 -15.15 2.01 -7.11
CA ASP A 477 -15.67 1.18 -6.03
C ASP A 477 -14.76 1.20 -4.80
N ASN A 478 -13.95 2.25 -4.65
CA ASN A 478 -12.97 2.33 -3.57
C ASN A 478 -13.64 2.70 -2.25
N MET A 479 -12.91 2.54 -1.12
CA MET A 479 -13.37 3.05 0.17
C MET A 479 -13.66 4.55 0.13
N ILE A 480 -14.74 4.96 0.80
CA ILE A 480 -15.17 6.35 0.86
C ILE A 480 -15.26 6.82 2.31
N ILE A 481 -14.23 7.55 2.70
CA ILE A 481 -14.06 8.12 4.04
C ILE A 481 -13.92 9.63 3.88
N GLU A 482 -14.66 10.43 4.67
CA GLU A 482 -14.61 11.86 4.58
C GLU A 482 -13.80 12.46 5.74
N SER A 483 -13.01 13.48 5.42
CA SER A 483 -12.15 14.15 6.40
C SER A 483 -12.29 15.67 6.33
N ASP A 484 -13.17 16.19 7.18
CA ASP A 484 -13.56 17.62 7.17
C ASP A 484 -14.01 18.03 8.60
N ASP A 485 -13.86 19.32 8.87
CA ASP A 485 -14.68 20.02 9.91
C ASP A 485 -16.10 20.03 9.37
N LEU A 486 -16.96 19.25 9.97
CA LEU A 486 -18.30 18.99 9.45
C LEU A 486 -19.21 20.24 9.47
N SER A 487 -18.86 21.23 10.27
N SER A 487 -18.81 21.24 10.25
CA SER A 487 -19.55 22.55 10.23
CA SER A 487 -19.52 22.53 10.30
C SER A 487 -19.48 23.16 8.86
C SER A 487 -19.19 23.42 9.10
N LEU A 488 -18.34 22.92 8.20
CA LEU A 488 -17.97 23.63 7.00
C LEU A 488 -18.38 22.91 5.73
N VAL A 489 -19.11 21.82 5.87
CA VAL A 489 -19.63 21.06 4.75
C VAL A 489 -21.09 21.46 4.59
N ARG A 490 -21.46 22.03 3.43
CA ARG A 490 -22.85 22.38 3.14
C ARG A 490 -23.51 21.64 1.98
N ASP A 491 -24.45 22.28 1.26
CA ASP A 491 -25.26 21.53 0.35
C ASP A 491 -24.41 20.80 -0.69
N HIS A 492 -23.43 21.51 -1.22
CA HIS A 492 -22.64 20.98 -2.31
C HIS A 492 -21.86 19.74 -1.83
N GLY A 493 -21.21 19.86 -0.67
CA GLY A 493 -20.40 18.72 -0.13
C GLY A 493 -21.26 17.50 0.18
N LYS A 494 -22.47 17.77 0.69
CA LYS A 494 -23.42 16.72 0.93
C LYS A 494 -23.92 16.05 -0.30
N LYS A 495 -24.22 16.82 -1.34
CA LYS A 495 -24.63 16.25 -2.61
C LYS A 495 -23.53 15.39 -3.25
N VAL A 496 -22.29 15.87 -3.21
CA VAL A 496 -21.17 15.07 -3.78
C VAL A 496 -21.01 13.72 -3.08
N LEU A 497 -21.16 13.71 -1.75
CA LEU A 497 -21.04 12.45 -1.00
C LEU A 497 -22.19 11.52 -1.35
N LYS A 498 -23.42 12.04 -1.38
CA LYS A 498 -24.57 11.24 -1.83
C LYS A 498 -24.40 10.64 -3.23
N GLU A 499 -23.93 11.41 -4.18
CA GLU A 499 -23.84 10.92 -5.53
C GLU A 499 -22.65 9.96 -5.69
N THR A 500 -21.62 10.21 -4.91
CA THR A 500 -20.48 9.26 -4.87
C THR A 500 -20.90 7.85 -4.44
N LEU A 501 -21.61 7.77 -3.32
CA LEU A 501 -22.01 6.50 -2.76
C LEU A 501 -22.94 5.77 -3.75
N GLU A 502 -23.66 6.51 -4.62
CA GLU A 502 -24.48 5.90 -5.70
C GLU A 502 -23.67 5.22 -6.80
N LEU A 503 -22.37 5.53 -6.92
CA LEU A 503 -21.52 4.97 -7.98
C LEU A 503 -20.76 3.70 -7.58
N LEU A 504 -20.79 3.39 -6.29
CA LEU A 504 -20.20 2.15 -5.74
C LEU A 504 -20.89 0.89 -6.22
N GLY A 505 -20.19 -0.22 -6.05
CA GLY A 505 -20.74 -1.53 -6.22
C GLY A 505 -20.42 -2.22 -7.50
N GLY A 506 -19.67 -1.56 -8.40
CA GLY A 506 -19.30 -2.16 -9.68
C GLY A 506 -17.92 -2.80 -9.81
N ARG A 507 -17.64 -3.27 -11.03
CA ARG A 507 -16.36 -3.85 -11.43
C ARG A 507 -15.69 -2.86 -12.38
N PRO A 508 -14.71 -2.10 -11.88
CA PRO A 508 -14.10 -1.05 -12.71
C PRO A 508 -12.99 -1.59 -13.62
N ARG A 509 -12.72 -0.83 -14.68
CA ARG A 509 -11.57 -1.01 -15.54
C ARG A 509 -11.09 0.36 -16.03
N VAL A 510 -9.79 0.61 -15.86
CA VAL A 510 -9.17 1.72 -16.48
C VAL A 510 -8.71 1.27 -17.87
N GLN A 511 -9.34 1.79 -18.92
N GLN A 511 -9.33 1.82 -18.91
CA GLN A 511 -9.11 1.22 -20.27
CA GLN A 511 -9.16 1.28 -20.28
C GLN A 511 -7.75 1.51 -20.86
C GLN A 511 -7.84 1.57 -20.94
N ASN A 512 -7.17 2.65 -20.52
CA ASN A 512 -5.93 3.10 -21.13
C ASN A 512 -4.86 3.30 -20.04
N ILE A 513 -4.54 2.18 -19.36
CA ILE A 513 -3.65 2.18 -18.18
C ILE A 513 -2.22 2.68 -18.51
N MET A 514 -1.78 2.61 -19.76
CA MET A 514 -0.44 3.07 -20.14
C MET A 514 -0.39 4.55 -20.59
N SER A 515 -1.45 5.28 -20.32
CA SER A 515 -1.54 6.73 -20.70
C SER A 515 -0.42 7.50 -20.04
N GLU A 516 0.18 8.42 -20.80
CA GLU A 516 1.18 9.33 -20.24
C GLU A 516 0.72 10.78 -20.12
N ASP A 517 -0.53 11.09 -20.42
CA ASP A 517 -0.98 12.50 -20.36
C ASP A 517 -2.03 12.76 -19.29
N LEU A 518 -2.15 11.82 -18.35
CA LEU A 518 -3.03 11.96 -17.21
C LEU A 518 -4.52 12.12 -17.59
N ARG A 519 -4.89 11.66 -18.78
CA ARG A 519 -6.28 11.49 -19.10
C ARG A 519 -6.62 10.00 -19.16
N TYR A 520 -7.67 9.60 -18.45
CA TYR A 520 -8.01 8.21 -18.34
C TYR A 520 -9.49 7.96 -18.65
N GLU A 521 -9.78 6.88 -19.36
N GLU A 521 -9.76 6.81 -19.23
CA GLU A 521 -11.18 6.45 -19.56
CA GLU A 521 -11.12 6.41 -19.57
C GLU A 521 -11.42 5.31 -18.61
C GLU A 521 -11.49 5.22 -18.69
N ILE A 522 -12.47 5.40 -17.81
CA ILE A 522 -12.75 4.44 -16.75
C ILE A 522 -14.20 3.99 -16.85
N VAL A 523 -14.42 2.68 -16.92
CA VAL A 523 -15.78 2.12 -16.92
C VAL A 523 -16.00 1.33 -15.63
N SER A 524 -17.25 1.25 -15.17
CA SER A 524 -17.57 0.30 -14.13
C SER A 524 -18.93 -0.34 -14.39
N SER A 525 -18.95 -1.66 -14.48
CA SER A 525 -20.19 -2.40 -14.69
C SER A 525 -20.90 -2.77 -13.37
N GLY A 526 -22.24 -2.68 -13.37
CA GLY A 526 -23.04 -3.18 -12.27
C GLY A 526 -22.98 -2.40 -10.98
N THR A 527 -22.79 -1.07 -11.08
CA THR A 527 -22.87 -0.18 -9.94
C THR A 527 -24.31 -0.06 -9.47
N LEU A 528 -24.51 0.63 -8.35
CA LEU A 528 -25.86 0.94 -7.86
C LEU A 528 -26.59 1.90 -8.82
N SER A 529 -25.87 2.47 -9.76
CA SER A 529 -26.44 3.30 -10.85
C SER A 529 -26.34 2.66 -12.22
N GLY A 530 -26.13 1.37 -12.26
CA GLY A 530 -25.94 0.67 -13.50
C GLY A 530 -24.53 0.76 -14.06
N ASN A 531 -24.43 0.60 -15.36
CA ASN A 531 -23.16 0.68 -16.04
C ASN A 531 -22.77 2.14 -16.15
N VAL A 532 -21.56 2.50 -15.74
CA VAL A 532 -21.16 3.89 -15.79
C VAL A 532 -19.83 4.03 -16.46
N LYS A 533 -19.55 5.24 -16.91
CA LYS A 533 -18.29 5.59 -17.53
C LYS A 533 -17.90 7.02 -17.12
N ILE A 534 -16.64 7.20 -16.68
CA ILE A 534 -16.12 8.53 -16.43
C ILE A 534 -14.80 8.72 -17.19
N VAL A 535 -14.69 9.84 -17.88
CA VAL A 535 -13.43 10.21 -18.53
C VAL A 535 -12.89 11.36 -17.69
N VAL A 536 -11.66 11.21 -17.19
CA VAL A 536 -11.09 12.17 -16.27
C VAL A 536 -9.78 12.70 -16.85
N ASP A 537 -9.51 13.97 -16.62
CA ASP A 537 -8.29 14.57 -17.09
C ASP A 537 -7.68 15.30 -15.92
N LEU A 538 -6.57 14.72 -15.41
CA LEU A 538 -5.91 15.31 -14.24
C LEU A 538 -5.04 16.53 -14.51
N ASN A 539 -4.73 16.83 -15.78
CA ASN A 539 -4.09 18.09 -16.12
C ASN A 539 -5.07 19.28 -16.25
N SER A 540 -6.14 19.13 -17.01
CA SER A 540 -7.19 20.14 -17.14
C SER A 540 -8.13 20.23 -15.92
N ARG A 541 -8.14 19.19 -15.08
CA ARG A 541 -9.03 19.09 -13.92
C ARG A 541 -10.49 19.04 -14.33
N GLU A 542 -10.77 18.20 -15.34
CA GLU A 542 -12.15 18.02 -15.87
C GLU A 542 -12.57 16.56 -15.85
N TYR A 543 -13.87 16.32 -15.85
CA TYR A 543 -14.41 14.98 -15.99
C TYR A 543 -15.69 15.05 -16.78
N HIS A 544 -16.07 13.90 -17.30
CA HIS A 544 -17.32 13.71 -18.00
C HIS A 544 -17.87 12.34 -17.61
N LEU A 545 -18.98 12.34 -16.89
CA LEU A 545 -19.55 11.13 -16.30
C LEU A 545 -20.87 10.79 -17.00
N GLU A 546 -21.03 9.55 -17.41
CA GLU A 546 -22.27 8.98 -18.02
C GLU A 546 -22.76 7.79 -17.24
N LYS A 547 -24.07 7.79 -16.89
CA LYS A 547 -24.66 6.68 -16.12
C LYS A 547 -25.86 6.11 -16.89
N GLU A 548 -25.99 4.78 -16.95
CA GLU A 548 -27.16 4.16 -17.60
C GLU A 548 -28.18 3.82 -16.55
#